data_2V3O
#
_entry.id   2V3O
#
_cell.length_a   70.610
_cell.length_b   71.820
_cell.length_c   72.280
_cell.angle_alpha   90.00
_cell.angle_beta   100.60
_cell.angle_gamma   90.00
#
_symmetry.space_group_name_H-M   'C 1 2 1'
#
loop_
_entity.id
_entity.type
_entity.pdbx_description
1 polymer 'THROMBIN HEAVY CHAIN'
2 polymer 'HIRUDIN IIA'
3 polymer 'THROMBIN LIGHT CHAIN'
4 non-polymer '(2R)-[(4-CARBAMIMIDOYLPHENYL)AMINO]{3-[3-(DIMETHYLAMINO)-2,2-DIMETHYLPROPOXY]-5-ETHYL-2-FLUOROPHENYL}ETHANOIC ACID'
5 non-polymer 'SODIUM ION'
6 non-polymer 'CALCIUM ION'
7 water water
#
loop_
_entity_poly.entity_id
_entity_poly.type
_entity_poly.pdbx_seq_one_letter_code
_entity_poly.pdbx_strand_id
1 'polypeptide(L)'
;IVEGSDAEIGMSPWQVMLFRKSPQELLCGASLISDRWVLTAAHCLLYPPWDKNFTENDLLVRIGKHSRTRYERNIEKISM
LEKIYIHPRYNWRENLDRDIALMKLKKPVAFSDYIHPVCLPDRETAASLLQAGYKGRVTGWGNLKETWTANVGKGQPSVL
QVVNLPIVERPVCKDSTRIRITDNMFCAGYKPDEGKRGDACEGDSGGPFVMKSPFNNRWYQMGIVSWGEGCDRDGKYGFY
THVFRLKKWIQKVIDQF
;
H
2 'polypeptide(L)' (SIN)FEEIPEEYLQ I
3 'polypeptide(L)' ADCGLRPLFEKKSLEDKTERELLESYID L
#
# COMPACT_ATOMS: atom_id res chain seq x y z
N ILE A 1 7.41 8.60 -0.49
CA ILE A 1 7.75 8.20 -1.90
C ILE A 1 8.87 9.10 -2.45
N VAL A 2 9.93 8.47 -2.95
CA VAL A 2 11.09 9.19 -3.50
C VAL A 2 10.98 9.13 -5.02
N GLU A 3 11.17 10.29 -5.66
CA GLU A 3 11.16 10.42 -7.11
C GLU A 3 9.85 10.04 -7.75
N GLY A 4 8.75 10.34 -7.07
CA GLY A 4 7.43 10.12 -7.62
C GLY A 4 6.85 11.45 -8.04
N SER A 5 5.53 11.49 -8.12
CA SER A 5 4.80 12.68 -8.51
C SER A 5 3.55 12.82 -7.65
N ASP A 6 2.93 14.00 -7.65
CA ASP A 6 1.61 14.20 -6.99
C ASP A 6 0.55 13.31 -7.63
N ALA A 7 -0.26 12.65 -6.79
CA ALA A 7 -1.40 11.90 -7.29
C ALA A 7 -2.42 12.85 -7.91
N GLU A 8 -3.20 12.32 -8.86
CA GLU A 8 -4.41 12.99 -9.33
C GLU A 8 -5.52 12.77 -8.33
N ILE A 9 -6.51 13.65 -8.32
CA ILE A 9 -7.66 13.50 -7.42
C ILE A 9 -8.37 12.18 -7.74
N GLY A 10 -8.64 11.39 -6.71
CA GLY A 10 -9.32 10.10 -6.86
C GLY A 10 -8.52 9.04 -7.61
N MET A 11 -7.21 9.24 -7.72
CA MET A 11 -6.35 8.26 -8.43
C MET A 11 -6.17 6.95 -7.65
N SER A 12 -6.22 7.06 -6.33
CA SER A 12 -6.01 5.89 -5.46
C SER A 12 -7.10 5.85 -4.38
N PRO A 13 -8.36 5.60 -4.78
CA PRO A 13 -9.44 5.85 -3.83
C PRO A 13 -9.51 4.85 -2.69
N TRP A 14 -8.67 3.80 -2.76
CA TRP A 14 -8.52 2.80 -1.71
C TRP A 14 -7.44 3.18 -0.70
N GLN A 15 -6.74 4.29 -0.97
CA GLN A 15 -5.65 4.73 -0.09
C GLN A 15 -6.16 5.09 1.30
N VAL A 16 -5.51 4.53 2.32
CA VAL A 16 -5.89 4.81 3.68
C VAL A 16 -4.67 5.34 4.43
N MET A 17 -4.89 6.33 5.31
CA MET A 17 -3.83 6.82 6.17
C MET A 17 -4.04 6.25 7.56
N LEU A 18 -2.98 5.62 8.10
N LEU A 18 -3.00 5.60 8.10
CA LEU A 18 -2.95 5.22 9.50
CA LEU A 18 -3.02 5.16 9.53
C LEU A 18 -2.41 6.36 10.33
C LEU A 18 -2.41 6.27 10.38
N PHE A 19 -3.24 6.86 11.24
CA PHE A 19 -2.93 8.10 11.92
C PHE A 19 -2.90 7.90 13.42
N ARG A 20 -1.78 8.28 14.02
CA ARG A 20 -1.60 8.08 15.43
C ARG A 20 -2.29 9.24 16.16
N LYS A 21 -3.05 8.92 17.21
CA LYS A 21 -3.87 9.91 17.88
C LYS A 21 -3.02 10.88 18.70
N SER A 22 -2.04 10.35 19.43
CA SER A 22 -1.24 11.16 20.38
C SER A 22 0.15 10.57 20.52
N PRO A 23 1.18 11.29 20.02
CA PRO A 23 1.07 12.55 19.28
C PRO A 23 0.42 12.33 17.93
N GLN A 24 -0.18 13.38 17.38
CA GLN A 24 -0.80 13.30 16.06
C GLN A 24 0.28 13.15 14.99
N GLU A 25 0.35 11.97 14.37
CA GLU A 25 1.34 11.78 13.32
C GLU A 25 0.99 10.67 12.34
N LEU A 26 1.55 10.74 11.14
CA LEU A 26 1.42 9.67 10.17
C LEU A 26 2.18 8.43 10.64
N LEU A 27 1.48 7.30 10.77
CA LEU A 27 2.13 6.04 11.10
C LEU A 27 2.51 5.23 9.86
N CYS A 28 1.58 5.10 8.93
CA CYS A 28 1.75 4.24 7.78
C CYS A 28 0.63 4.45 6.78
N GLY A 29 0.76 3.82 5.62
CA GLY A 29 -0.35 3.71 4.68
C GLY A 29 -1.09 2.40 4.94
N ALA A 30 -2.14 2.17 4.17
CA ALA A 30 -3.04 1.03 4.30
C ALA A 30 -3.97 1.10 3.10
N SER A 31 -4.86 0.11 2.97
CA SER A 31 -5.75 0.10 1.83
C SER A 31 -7.13 -0.38 2.19
N LEU A 32 -8.13 0.15 1.49
CA LEU A 32 -9.50 -0.23 1.74
C LEU A 32 -9.85 -1.42 0.86
N ILE A 33 -10.28 -2.52 1.48
CA ILE A 33 -10.66 -3.72 0.69
C ILE A 33 -12.15 -4.08 0.74
N SER A 34 -12.90 -3.41 1.61
CA SER A 34 -14.37 -3.48 1.61
C SER A 34 -14.85 -2.28 2.43
N ASP A 35 -16.15 -2.18 2.71
CA ASP A 35 -16.60 -1.08 3.54
C ASP A 35 -16.17 -1.16 5.02
N ARG A 36 -15.62 -2.31 5.42
N ARG A 36 -15.68 -2.32 5.44
CA ARG A 36 -15.40 -2.61 6.82
CA ARG A 36 -15.38 -2.57 6.86
C ARG A 36 -13.96 -3.03 7.14
C ARG A 36 -13.95 -3.02 7.15
N TRP A 37 -13.19 -3.36 6.12
CA TRP A 37 -11.86 -3.95 6.32
C TRP A 37 -10.75 -3.16 5.65
N VAL A 38 -9.65 -3.00 6.36
CA VAL A 38 -8.49 -2.25 5.89
C VAL A 38 -7.28 -3.16 5.98
N LEU A 39 -6.46 -3.16 4.94
CA LEU A 39 -5.24 -3.96 4.86
C LEU A 39 -4.00 -3.11 5.08
N THR A 40 -3.04 -3.62 5.87
CA THR A 40 -1.78 -2.90 6.11
C THR A 40 -0.65 -3.89 6.45
N ALA A 41 0.53 -3.35 6.75
CA ALA A 41 1.67 -4.17 7.15
C ALA A 41 1.63 -4.39 8.65
N ALA A 42 1.81 -5.64 9.06
CA ALA A 42 1.94 -5.99 10.49
C ALA A 42 2.92 -5.06 11.23
N HIS A 43 4.04 -4.73 10.60
CA HIS A 43 5.10 -4.00 11.32
C HIS A 43 4.70 -2.57 11.66
N CYS A 44 3.68 -2.05 10.96
CA CYS A 44 3.06 -0.79 11.28
C CYS A 44 2.40 -0.79 12.65
N LEU A 45 2.00 -1.98 13.11
CA LEU A 45 1.28 -2.14 14.37
C LEU A 45 2.11 -2.82 15.45
N LEU A 46 3.01 -3.71 15.05
CA LEU A 46 3.74 -4.50 16.01
C LEU A 46 5.19 -4.65 15.57
N TYR A 47 6.10 -4.04 16.35
CA TYR A 47 7.54 -4.21 16.11
C TYR A 47 8.32 -4.12 17.42
N PRO A 48 8.33 -5.22 18.19
CA PRO A 48 8.98 -5.20 19.52
C PRO A 48 10.41 -4.65 19.57
N PRO A 49 11.26 -4.92 18.55
CA PRO A 49 12.62 -4.41 18.70
C PRO A 49 12.67 -2.90 18.97
N TRP A 50 11.70 -2.15 18.46
CA TRP A 50 11.63 -0.70 18.68
C TRP A 50 10.49 -0.29 19.62
N ASP A 51 10.01 -1.23 20.42
CA ASP A 51 8.88 -1.03 21.35
C ASP A 51 7.63 -0.43 20.72
N LYS A 52 7.35 -0.87 19.49
CA LYS A 52 6.11 -0.52 18.82
C LYS A 52 5.06 -1.62 19.05
N ASN A 53 3.97 -1.24 19.71
CA ASN A 53 2.84 -2.13 19.93
C ASN A 53 1.54 -1.34 20.02
N PHE A 54 1.01 -0.95 18.86
CA PHE A 54 -0.23 -0.17 18.83
C PHE A 54 -1.48 -1.02 19.07
N THR A 55 -2.34 -0.53 19.96
CA THR A 55 -3.66 -1.10 20.23
C THR A 55 -4.72 -0.35 19.38
N GLU A 56 -5.92 -0.89 19.29
CA GLU A 56 -7.01 -0.26 18.51
C GLU A 56 -7.22 1.22 18.88
N ASN A 57 -7.22 1.51 20.17
CA ASN A 57 -7.53 2.87 20.64
C ASN A 57 -6.42 3.90 20.35
N ASP A 58 -5.23 3.43 20.00
CA ASP A 58 -4.13 4.35 19.72
C ASP A 58 -4.25 5.07 18.40
N LEU A 59 -5.04 4.55 17.48
N LEU A 59 -5.08 4.55 17.51
CA LEU A 59 -5.04 5.10 16.14
CA LEU A 59 -5.08 4.97 16.11
C LEU A 59 -6.41 5.27 15.49
C LEU A 59 -6.45 5.37 15.58
N LEU A 60 -6.42 6.09 14.45
CA LEU A 60 -7.59 6.36 13.62
C LEU A 60 -7.21 5.95 12.20
N VAL A 61 -8.19 5.68 11.36
CA VAL A 61 -7.96 5.40 9.94
C VAL A 61 -8.61 6.57 9.19
N ARG A 62 -7.86 7.21 8.27
CA ARG A 62 -8.35 8.33 7.47
C ARG A 62 -8.41 7.94 6.00
N ILE A 63 -9.60 8.06 5.42
CA ILE A 63 -9.91 7.47 4.11
C ILE A 63 -10.39 8.59 3.21
N GLY A 64 -10.07 8.52 1.93
CA GLY A 64 -10.46 9.56 0.96
C GLY A 64 -9.55 10.79 0.94
N LYS A 65 -8.37 10.67 1.54
CA LYS A 65 -7.45 11.81 1.63
C LYS A 65 -6.62 12.05 0.39
N HIS A 66 -6.25 13.31 0.20
CA HIS A 66 -5.28 13.68 -0.83
C HIS A 66 -4.14 14.48 -0.18
N SER A 67 -4.51 15.55 0.52
CA SER A 67 -3.57 16.32 1.30
C SER A 67 -3.07 15.49 2.48
N ARG A 68 -1.78 15.60 2.79
CA ARG A 68 -1.18 14.91 3.93
C ARG A 68 -1.68 15.46 5.25
N THR A 69 -1.59 16.77 5.41
CA THR A 69 -1.76 17.38 6.74
C THR A 69 -3.12 18.02 6.97
N ARG A 70 -3.84 18.31 5.88
N ARG A 70 -3.85 18.34 5.92
CA ARG A 70 -5.11 19.05 5.98
CA ARG A 70 -5.03 19.15 6.17
C ARG A 70 -6.21 18.15 6.55
C ARG A 70 -6.24 18.27 6.43
N TYR A 71 -7.14 18.74 7.28
CA TYR A 71 -8.41 18.08 7.52
C TYR A 71 -9.31 18.41 6.31
N GLU A 72 -9.53 17.40 5.47
CA GLU A 72 -10.24 17.56 4.20
C GLU A 72 -11.75 17.45 4.38
N ARG A 73 -12.28 18.52 4.92
CA ARG A 73 -13.69 18.68 5.21
C ARG A 73 -14.57 18.31 4.01
N ASN A 74 -15.61 17.51 4.30
CA ASN A 74 -16.61 17.05 3.31
C ASN A 74 -16.06 16.00 2.35
N ILE A 75 -14.85 15.50 2.62
CA ILE A 75 -14.19 14.58 1.67
C ILE A 75 -13.64 13.35 2.37
N GLU A 76 -12.68 13.57 3.27
CA GLU A 76 -12.14 12.40 3.95
C GLU A 76 -13.12 11.91 5.00
N LYS A 77 -13.01 10.61 5.30
CA LYS A 77 -13.76 10.04 6.41
C LYS A 77 -12.81 9.45 7.44
N ILE A 78 -13.10 9.71 8.71
CA ILE A 78 -12.29 9.20 9.79
C ILE A 78 -13.03 8.07 10.47
N SER A 79 -12.36 6.92 10.59
CA SER A 79 -12.97 5.73 11.19
C SER A 79 -12.13 5.21 12.33
N MET A 80 -12.81 4.66 13.33
CA MET A 80 -12.15 4.06 14.47
C MET A 80 -12.00 2.58 14.22
N LEU A 81 -11.10 1.96 14.99
CA LEU A 81 -10.81 0.53 14.85
C LEU A 81 -11.58 -0.30 15.85
N GLU A 82 -12.26 -1.33 15.36
CA GLU A 82 -12.93 -2.30 16.23
C GLU A 82 -11.90 -3.33 16.69
N LYS A 83 -11.13 -3.87 15.76
CA LYS A 83 -10.17 -4.93 16.09
C LYS A 83 -9.04 -4.99 15.07
N ILE A 84 -7.84 -5.27 15.56
CA ILE A 84 -6.66 -5.55 14.73
C ILE A 84 -6.40 -7.07 14.70
N TYR A 85 -5.97 -7.58 13.54
CA TYR A 85 -5.64 -8.99 13.35
C TYR A 85 -4.32 -9.06 12.61
N ILE A 86 -3.28 -9.47 13.33
CA ILE A 86 -1.93 -9.59 12.77
C ILE A 86 -1.70 -11.06 12.42
N HIS A 87 -1.05 -11.30 11.27
CA HIS A 87 -0.81 -12.67 10.87
C HIS A 87 -0.11 -13.44 12.02
N PRO A 88 -0.62 -14.64 12.38
CA PRO A 88 -0.04 -15.30 13.57
C PRO A 88 1.43 -15.70 13.38
N ARG A 89 1.85 -15.85 12.13
CA ARG A 89 3.23 -16.22 11.80
C ARG A 89 4.03 -15.04 11.21
N TYR A 90 3.59 -13.81 11.46
CA TYR A 90 4.39 -12.61 11.16
C TYR A 90 5.77 -12.69 11.85
N ASN A 91 6.85 -12.57 11.08
CA ASN A 91 8.21 -12.70 11.63
C ASN A 91 8.87 -11.35 11.87
N TRP A 92 8.63 -10.76 13.04
CA TRP A 92 9.28 -9.51 13.40
C TRP A 92 10.71 -9.69 13.91
N ARG A 93 11.07 -10.91 14.31
CA ARG A 93 12.42 -11.20 14.85
C ARG A 93 13.53 -11.09 13.83
N GLU A 94 13.25 -11.50 12.59
CA GLU A 94 14.31 -11.65 11.59
C GLU A 94 14.15 -10.76 10.37
N ASN A 95 13.12 -11.01 9.57
CA ASN A 95 13.06 -10.42 8.21
C ASN A 95 11.69 -9.88 7.78
N LEU A 96 10.74 -9.78 8.72
CA LEU A 96 9.40 -9.27 8.40
C LEU A 96 8.60 -10.22 7.49
N ASP A 97 8.95 -11.51 7.54
CA ASP A 97 8.20 -12.53 6.74
C ASP A 97 6.74 -12.46 7.15
N ARG A 98 5.83 -12.50 6.17
CA ARG A 98 4.37 -12.39 6.35
C ARG A 98 3.98 -11.05 6.99
N ASP A 99 4.48 -9.97 6.41
CA ASP A 99 4.27 -8.63 6.96
C ASP A 99 2.87 -8.12 6.56
N ILE A 100 1.85 -8.56 7.28
CA ILE A 100 0.46 -8.29 6.87
C ILE A 100 -0.46 -8.29 8.10
N ALA A 101 -1.42 -7.36 8.11
CA ALA A 101 -2.42 -7.27 9.16
C ALA A 101 -3.72 -6.73 8.57
N LEU A 102 -4.83 -7.07 9.23
CA LEU A 102 -6.13 -6.56 8.88
C LEU A 102 -6.66 -5.75 10.05
N MET A 103 -7.52 -4.79 9.72
CA MET A 103 -8.14 -3.94 10.70
C MET A 103 -9.62 -3.87 10.37
N LYS A 104 -10.46 -4.22 11.33
CA LYS A 104 -11.89 -4.08 11.13
C LYS A 104 -12.32 -2.74 11.67
N LEU A 105 -13.14 -2.04 10.90
CA LEU A 105 -13.64 -0.73 11.28
C LEU A 105 -14.84 -0.87 12.19
N LYS A 106 -15.00 0.07 13.12
CA LYS A 106 -16.17 0.07 13.98
C LYS A 106 -17.50 0.21 13.25
N LYS A 107 -17.50 0.98 12.16
CA LYS A 107 -18.70 1.22 11.35
C LYS A 107 -18.34 1.15 9.87
N PRO A 108 -19.28 0.71 9.01
CA PRO A 108 -18.97 0.72 7.58
C PRO A 108 -18.74 2.13 7.05
N VAL A 109 -17.80 2.28 6.13
CA VAL A 109 -17.52 3.58 5.52
C VAL A 109 -18.32 3.66 4.21
N ALA A 110 -18.94 4.82 3.98
CA ALA A 110 -19.67 5.05 2.74
C ALA A 110 -18.72 5.30 1.57
N PHE A 111 -18.97 4.64 0.43
CA PHE A 111 -18.14 4.87 -0.75
C PHE A 111 -18.53 6.19 -1.39
N SER A 112 -17.58 6.78 -2.10
CA SER A 112 -17.79 8.09 -2.72
C SER A 112 -16.84 8.19 -3.91
N ASP A 113 -16.80 9.36 -4.56
CA ASP A 113 -15.78 9.61 -5.59
C ASP A 113 -14.34 9.37 -5.14
N TYR A 114 -14.09 9.56 -3.84
CA TYR A 114 -12.73 9.56 -3.26
C TYR A 114 -12.46 8.33 -2.41
N ILE A 115 -13.49 7.49 -2.22
CA ILE A 115 -13.41 6.33 -1.35
C ILE A 115 -14.02 5.12 -2.06
N HIS A 116 -13.19 4.12 -2.37
CA HIS A 116 -13.63 2.96 -3.12
C HIS A 116 -12.62 1.82 -2.93
N PRO A 117 -13.09 0.56 -2.76
CA PRO A 117 -12.15 -0.54 -2.48
C PRO A 117 -11.38 -1.09 -3.68
N VAL A 118 -10.17 -1.55 -3.41
CA VAL A 118 -9.32 -2.24 -4.40
C VAL A 118 -9.67 -3.73 -4.41
N CYS A 119 -9.38 -4.44 -5.51
CA CYS A 119 -9.58 -5.88 -5.56
C CYS A 119 -8.34 -6.59 -5.02
N LEU A 120 -8.55 -7.79 -4.49
CA LEU A 120 -7.45 -8.68 -4.15
C LEU A 120 -7.32 -9.70 -5.25
N PRO A 121 -6.08 -10.09 -5.60
CA PRO A 121 -5.92 -11.00 -6.74
C PRO A 121 -6.34 -12.45 -6.44
N ASP A 122 -6.76 -13.14 -7.49
CA ASP A 122 -6.85 -14.59 -7.41
C ASP A 122 -5.62 -15.19 -8.04
N ARG A 123 -5.53 -16.51 -8.06
CA ARG A 123 -4.31 -17.21 -8.46
C ARG A 123 -3.92 -16.80 -9.86
N GLU A 124 -4.92 -16.68 -10.73
CA GLU A 124 -4.69 -16.42 -12.15
C GLU A 124 -4.16 -15.01 -12.39
N THR A 125 -4.76 -14.03 -11.72
CA THR A 125 -4.27 -12.66 -11.75
C THR A 125 -2.82 -12.62 -11.38
N ALA A 126 -2.52 -13.26 -10.25
CA ALA A 126 -1.19 -13.17 -9.69
C ALA A 126 -0.20 -13.82 -10.63
N ALA A 127 -0.57 -14.97 -11.18
CA ALA A 127 0.32 -15.67 -12.10
C ALA A 127 0.58 -14.82 -13.33
N SER A 128 -0.47 -14.17 -13.85
CA SER A 128 -0.34 -13.37 -15.06
C SER A 128 0.49 -12.10 -14.84
N LEU A 129 0.27 -11.38 -13.74
CA LEU A 129 0.87 -10.06 -13.59
C LEU A 129 2.17 -9.98 -12.78
N LEU A 130 2.37 -10.91 -11.86
CA LEU A 130 3.53 -10.84 -10.96
C LEU A 130 4.78 -11.38 -11.69
N GLN A 131 5.24 -10.61 -12.67
CA GLN A 131 6.32 -11.04 -13.58
C GLN A 131 7.42 -9.96 -13.61
N ALA A 132 8.68 -10.36 -13.61
CA ALA A 132 9.79 -9.38 -13.71
C ALA A 132 9.54 -8.45 -14.88
N GLY A 133 9.70 -7.14 -14.68
CA GLY A 133 9.53 -6.14 -15.77
C GLY A 133 8.15 -5.49 -15.80
N TYR A 134 7.15 -6.25 -15.37
CA TYR A 134 5.80 -5.75 -15.29
C TYR A 134 5.79 -4.71 -14.19
N LYS A 135 5.13 -3.58 -14.44
CA LYS A 135 5.13 -2.47 -13.49
C LYS A 135 3.87 -2.40 -12.64
N GLY A 136 4.06 -2.08 -11.37
CA GLY A 136 2.95 -1.71 -10.50
C GLY A 136 3.11 -0.30 -9.96
N ARG A 137 2.17 0.07 -9.10
CA ARG A 137 2.08 1.45 -8.63
C ARG A 137 2.06 1.51 -7.12
N VAL A 138 2.92 2.36 -6.56
CA VAL A 138 3.01 2.51 -5.11
C VAL A 138 2.68 3.96 -4.76
N THR A 139 1.88 4.13 -3.71
CA THR A 139 1.39 5.42 -3.26
C THR A 139 1.59 5.60 -1.76
N GLY A 140 1.78 6.85 -1.33
CA GLY A 140 1.90 7.16 0.08
C GLY A 140 2.27 8.60 0.39
N TRP A 141 2.21 8.92 1.69
CA TRP A 141 2.49 10.26 2.23
C TRP A 141 3.83 10.31 2.94
N GLY A 142 4.68 9.32 2.66
CA GLY A 142 5.95 9.16 3.37
C GLY A 142 7.02 10.11 2.84
N ASN A 143 8.23 10.01 3.39
CA ASN A 143 9.34 10.90 3.05
C ASN A 143 9.64 10.98 1.56
N LEU A 144 10.01 12.17 1.13
CA LEU A 144 10.41 12.41 -0.26
C LEU A 144 11.88 12.01 -0.55
N LYS A 145 12.68 11.85 0.51
CA LYS A 145 14.09 11.55 0.38
C LYS A 145 14.51 10.69 1.55
N GLU A 146 15.55 9.88 1.34
CA GLU A 146 16.09 9.07 2.42
C GLU A 146 16.53 9.95 3.59
N THR A 147 17.22 11.05 3.29
CA THR A 147 17.67 11.94 4.36
C THR A 147 16.92 13.27 4.30
N GLY A 155 11.28 17.52 2.25
CA GLY A 155 11.21 16.45 3.23
C GLY A 155 9.92 15.64 3.18
N GLN A 156 8.80 16.31 3.44
CA GLN A 156 7.50 15.64 3.52
C GLN A 156 6.57 16.23 2.44
N PRO A 157 5.75 15.39 1.79
CA PRO A 157 4.89 15.90 0.69
C PRO A 157 3.67 16.69 1.15
N SER A 158 3.21 17.60 0.30
CA SER A 158 1.95 18.30 0.53
C SER A 158 0.79 17.34 0.28
N VAL A 159 0.91 16.52 -0.77
CA VAL A 159 -0.19 15.65 -1.15
C VAL A 159 0.31 14.24 -1.45
N LEU A 160 -0.60 13.27 -1.47
CA LEU A 160 -0.29 11.88 -1.82
C LEU A 160 0.64 11.77 -3.02
N GLN A 161 1.67 10.95 -2.89
CA GLN A 161 2.66 10.72 -3.95
C GLN A 161 2.44 9.36 -4.59
N VAL A 162 2.84 9.26 -5.86
CA VAL A 162 2.64 8.07 -6.66
C VAL A 162 3.93 7.78 -7.47
N VAL A 163 4.29 6.51 -7.56
CA VAL A 163 5.40 6.08 -8.45
C VAL A 163 5.10 4.69 -9.03
N ASN A 164 5.44 4.52 -10.31
CA ASN A 164 5.31 3.25 -11.02
C ASN A 164 6.69 2.62 -11.07
N LEU A 165 6.78 1.34 -10.69
CA LEU A 165 8.05 0.61 -10.55
C LEU A 165 7.91 -0.80 -11.09
N PRO A 166 8.95 -1.30 -11.81
CA PRO A 166 8.94 -2.66 -12.38
C PRO A 166 9.28 -3.72 -11.32
N ILE A 167 8.56 -4.84 -11.36
CA ILE A 167 8.87 -6.01 -10.55
C ILE A 167 10.24 -6.52 -10.96
N VAL A 168 11.04 -6.94 -9.98
CA VAL A 168 12.41 -7.41 -10.24
C VAL A 168 12.53 -8.95 -10.10
N GLU A 169 13.39 -9.56 -10.93
CA GLU A 169 13.69 -10.99 -10.90
C GLU A 169 14.17 -11.39 -9.51
N ARG A 170 13.64 -12.50 -9.00
CA ARG A 170 13.96 -12.95 -7.64
C ARG A 170 15.47 -13.09 -7.32
N PRO A 171 16.27 -13.69 -8.22
CA PRO A 171 17.71 -13.69 -7.91
C PRO A 171 18.33 -12.30 -7.73
N VAL A 172 17.88 -11.32 -8.51
CA VAL A 172 18.43 -9.96 -8.40
C VAL A 172 18.03 -9.37 -7.05
N CYS A 173 16.77 -9.57 -6.65
CA CYS A 173 16.28 -9.17 -5.32
C CYS A 173 17.14 -9.79 -4.21
N LYS A 174 17.38 -11.08 -4.30
CA LYS A 174 18.19 -11.79 -3.32
C LYS A 174 19.64 -11.28 -3.22
N ASP A 175 20.22 -10.99 -4.38
CA ASP A 175 21.62 -10.61 -4.49
C ASP A 175 21.88 -9.17 -4.06
N SER A 176 20.80 -8.45 -3.77
CA SER A 176 20.87 -7.03 -3.46
C SER A 176 21.03 -6.76 -1.96
N THR A 177 20.88 -7.81 -1.15
CA THR A 177 20.72 -7.66 0.30
C THR A 177 21.27 -8.86 1.06
N ARG A 178 21.61 -8.62 2.32
CA ARG A 178 22.04 -9.70 3.20
C ARG A 178 20.86 -10.32 3.96
N ILE A 179 19.71 -9.65 3.90
CA ILE A 179 18.50 -10.14 4.57
C ILE A 179 17.97 -11.37 3.84
N ARG A 180 17.55 -12.39 4.60
CA ARG A 180 16.90 -13.58 3.99
C ARG A 180 15.53 -13.27 3.35
N ILE A 181 15.39 -13.60 2.07
CA ILE A 181 14.14 -13.28 1.32
C ILE A 181 13.28 -14.54 1.25
N THR A 182 11.98 -14.41 1.53
CA THR A 182 11.09 -15.57 1.46
C THR A 182 10.12 -15.47 0.26
N ASP A 183 9.38 -16.57 0.03
CA ASP A 183 8.34 -16.62 -1.00
C ASP A 183 7.19 -15.66 -0.73
N ASN A 184 7.09 -15.17 0.51
CA ASN A 184 6.03 -14.20 0.88
C ASN A 184 6.38 -12.72 0.62
N MET A 185 7.47 -12.53 -0.12
CA MET A 185 8.03 -11.22 -0.47
C MET A 185 8.31 -11.14 -1.96
N PHE A 186 8.19 -9.94 -2.51
CA PHE A 186 8.77 -9.70 -3.82
C PHE A 186 9.44 -8.32 -3.77
N CYS A 187 10.30 -8.05 -4.75
CA CYS A 187 10.92 -6.71 -4.75
C CYS A 187 10.64 -6.00 -6.08
N ALA A 188 10.70 -4.67 -6.03
CA ALA A 188 10.46 -3.84 -7.20
C ALA A 188 11.32 -2.58 -7.18
N GLY A 189 11.58 -2.04 -8.36
CA GLY A 189 12.38 -0.82 -8.50
C GLY A 189 13.25 -0.95 -9.73
N TYR A 190 13.78 0.18 -10.19
CA TYR A 190 14.68 0.20 -11.34
C TYR A 190 16.10 -0.19 -10.95
N LYS A 191 16.78 -0.84 -11.88
CA LYS A 191 18.20 -1.17 -11.78
C LYS A 191 19.05 0.08 -12.08
N PRO A 192 20.30 0.11 -11.59
CA PRO A 192 21.20 1.22 -11.94
C PRO A 192 21.28 1.47 -13.45
N ASP A 193 21.42 0.42 -14.25
CA ASP A 193 21.54 0.56 -15.70
C ASP A 193 20.27 1.07 -16.40
N GLU A 194 19.16 1.13 -15.67
CA GLU A 194 17.86 1.49 -16.26
C GLU A 194 17.56 2.99 -16.26
N GLY A 195 18.37 3.76 -15.55
CA GLY A 195 18.29 5.23 -15.61
C GLY A 195 17.19 5.84 -14.75
N LYS A 196 16.03 5.19 -14.70
CA LYS A 196 14.90 5.75 -13.96
C LYS A 196 15.01 5.46 -12.48
N ARG A 197 14.26 6.22 -11.68
CA ARG A 197 14.40 6.13 -10.23
C ARG A 197 13.02 6.00 -9.61
N GLY A 198 13.01 5.81 -8.30
CA GLY A 198 11.75 5.82 -7.55
C GLY A 198 11.69 4.71 -6.53
N ASP A 199 11.05 4.97 -5.39
CA ASP A 199 10.98 3.98 -4.31
C ASP A 199 9.98 4.45 -3.27
N ALA A 200 9.49 3.52 -2.46
CA ALA A 200 8.83 3.91 -1.23
C ALA A 200 9.88 4.34 -0.20
N CYS A 201 9.42 4.98 0.87
CA CYS A 201 10.35 5.39 1.92
C CYS A 201 9.67 5.30 3.29
N GLU A 202 10.31 5.86 4.31
CA GLU A 202 9.73 6.00 5.64
C GLU A 202 8.35 6.68 5.56
N GLY A 203 7.35 6.10 6.21
CA GLY A 203 5.98 6.65 6.22
C GLY A 203 5.08 6.01 5.18
N ASP A 204 5.67 5.31 4.22
CA ASP A 204 4.90 4.61 3.18
C ASP A 204 4.54 3.17 3.50
N SER A 205 5.21 2.55 4.48
CA SER A 205 4.93 1.14 4.79
C SER A 205 3.44 0.92 4.99
N GLY A 206 2.96 -0.26 4.65
CA GLY A 206 1.56 -0.62 4.83
C GLY A 206 0.68 -0.23 3.66
N GLY A 207 1.15 0.72 2.81
CA GLY A 207 0.42 1.13 1.63
C GLY A 207 0.44 0.10 0.50
N PRO A 208 -0.41 0.31 -0.50
CA PRO A 208 -0.56 -0.72 -1.56
C PRO A 208 0.42 -0.60 -2.71
N PHE A 209 0.79 -1.75 -3.29
CA PHE A 209 1.47 -1.86 -4.58
C PHE A 209 0.39 -2.45 -5.47
N VAL A 210 -0.11 -1.67 -6.43
CA VAL A 210 -1.26 -2.11 -7.24
C VAL A 210 -0.88 -2.28 -8.71
N MET A 211 -1.62 -3.14 -9.39
CA MET A 211 -1.51 -3.31 -10.84
C MET A 211 -2.89 -3.27 -11.48
N LYS A 212 -2.96 -2.75 -12.71
CA LYS A 212 -4.23 -2.67 -13.41
C LYS A 212 -4.30 -3.82 -14.40
N SER A 213 -5.22 -4.76 -14.15
CA SER A 213 -5.31 -5.91 -15.03
C SER A 213 -5.62 -5.49 -16.46
N PRO A 214 -4.84 -5.96 -17.46
CA PRO A 214 -5.16 -5.66 -18.85
C PRO A 214 -6.32 -6.50 -19.36
N PHE A 215 -6.77 -7.45 -18.54
CA PHE A 215 -7.88 -8.35 -18.91
C PHE A 215 -9.23 -7.77 -18.60
N ASN A 216 -9.38 -7.21 -17.41
CA ASN A 216 -10.68 -6.71 -16.98
C ASN A 216 -10.68 -5.25 -16.54
N ASN A 217 -9.55 -4.56 -16.72
CA ASN A 217 -9.43 -3.14 -16.43
C ASN A 217 -9.72 -2.75 -14.98
N ARG A 218 -9.46 -3.70 -14.07
CA ARG A 218 -9.61 -3.50 -12.66
C ARG A 218 -8.27 -3.45 -11.96
N TRP A 219 -8.20 -2.60 -10.94
CA TRP A 219 -7.03 -2.52 -10.09
C TRP A 219 -7.01 -3.61 -9.03
N TYR A 220 -5.86 -4.27 -8.94
CA TYR A 220 -5.61 -5.30 -7.95
C TYR A 220 -4.43 -4.95 -7.06
N GLN A 221 -4.56 -5.20 -5.76
CA GLN A 221 -3.43 -5.00 -4.85
C GLN A 221 -2.57 -6.25 -4.75
N MET A 222 -1.39 -6.19 -5.39
CA MET A 222 -0.47 -7.33 -5.41
C MET A 222 0.50 -7.31 -4.25
N GLY A 223 0.77 -6.14 -3.68
CA GLY A 223 1.77 -6.02 -2.61
C GLY A 223 1.41 -5.02 -1.54
N ILE A 224 2.14 -5.08 -0.44
CA ILE A 224 2.02 -4.10 0.65
C ILE A 224 3.44 -3.61 0.87
N VAL A 225 3.63 -2.29 0.93
CA VAL A 225 4.98 -1.76 1.21
C VAL A 225 5.48 -2.35 2.54
N SER A 226 6.61 -3.05 2.50
CA SER A 226 7.07 -3.78 3.69
C SER A 226 8.39 -3.30 4.27
N TRP A 227 9.47 -3.35 3.50
CA TRP A 227 10.77 -2.95 4.02
C TRP A 227 11.76 -2.61 2.92
N GLY A 228 12.89 -2.04 3.33
CA GLY A 228 13.89 -1.56 2.39
C GLY A 228 15.08 -1.07 3.18
N GLU A 229 16.19 -0.86 2.50
CA GLU A 229 17.41 -0.43 3.16
C GLU A 229 17.74 0.95 2.58
N GLY A 230 17.55 1.99 3.37
CA GLY A 230 17.55 3.36 2.87
C GLY A 230 16.33 3.55 1.96
N CYS A 231 16.39 4.52 1.06
CA CYS A 231 15.32 4.73 0.07
C CYS A 231 15.92 5.19 -1.25
N ASP A 232 15.48 4.58 -2.35
CA ASP A 232 15.98 4.92 -3.69
C ASP A 232 17.51 4.85 -3.89
N ARG A 233 18.17 3.95 -3.15
CA ARG A 233 19.59 3.74 -3.38
C ARG A 233 19.85 2.87 -4.60
N ASP A 234 20.91 3.22 -5.34
CA ASP A 234 21.36 2.39 -6.46
C ASP A 234 21.68 0.95 -6.01
N GLY A 235 21.12 -0.03 -6.72
CA GLY A 235 21.42 -1.43 -6.43
C GLY A 235 20.59 -2.01 -5.30
N LYS A 236 19.73 -1.17 -4.71
CA LYS A 236 18.74 -1.61 -3.73
C LYS A 236 17.34 -1.56 -4.33
N TYR A 237 16.43 -2.34 -3.72
CA TYR A 237 15.05 -2.47 -4.18
C TYR A 237 14.10 -2.47 -2.99
N GLY A 238 12.90 -1.99 -3.23
CA GLY A 238 11.84 -2.04 -2.22
C GLY A 238 11.30 -3.44 -2.13
N PHE A 239 11.02 -3.89 -0.90
CA PHE A 239 10.41 -5.20 -0.68
C PHE A 239 8.95 -5.08 -0.26
N TYR A 240 8.15 -6.03 -0.79
CA TYR A 240 6.71 -5.97 -0.68
C TYR A 240 6.15 -7.28 -0.22
N THR A 241 5.15 -7.22 0.66
CA THR A 241 4.43 -8.42 1.06
C THR A 241 3.61 -8.95 -0.11
N HIS A 242 3.74 -10.25 -0.40
CA HIS A 242 3.07 -10.92 -1.54
C HIS A 242 1.63 -11.22 -1.14
N VAL A 243 0.70 -10.34 -1.52
CA VAL A 243 -0.69 -10.43 -1.06
C VAL A 243 -1.33 -11.77 -1.43
N PHE A 244 -1.18 -12.20 -2.67
CA PHE A 244 -1.85 -13.44 -3.06
C PHE A 244 -1.43 -14.64 -2.21
N ARG A 245 -0.14 -14.74 -1.94
CA ARG A 245 0.43 -15.86 -1.14
C ARG A 245 -0.21 -15.93 0.24
N LEU A 246 -0.67 -14.79 0.74
CA LEU A 246 -1.29 -14.74 2.09
C LEU A 246 -2.83 -14.58 2.06
N LYS A 247 -3.43 -14.79 0.88
CA LYS A 247 -4.86 -14.50 0.72
C LYS A 247 -5.76 -15.48 1.48
N LYS A 248 -5.31 -16.72 1.62
CA LYS A 248 -6.04 -17.71 2.40
C LYS A 248 -6.22 -17.23 3.85
N TRP A 249 -5.16 -16.65 4.41
CA TRP A 249 -5.25 -16.02 5.74
C TRP A 249 -6.26 -14.86 5.77
N ILE A 250 -6.18 -13.97 4.76
CA ILE A 250 -7.12 -12.85 4.66
C ILE A 250 -8.55 -13.36 4.66
N GLN A 251 -8.84 -14.33 3.78
CA GLN A 251 -10.18 -14.89 3.66
C GLN A 251 -10.65 -15.53 4.98
N LYS A 252 -9.75 -16.28 5.62
CA LYS A 252 -10.06 -16.93 6.89
C LYS A 252 -10.50 -15.91 7.93
N VAL A 253 -9.77 -14.81 8.03
CA VAL A 253 -10.08 -13.77 9.05
C VAL A 253 -11.42 -13.08 8.78
N ILE A 254 -11.64 -12.65 7.53
CA ILE A 254 -12.88 -11.98 7.18
C ILE A 254 -14.05 -12.97 7.32
N ASP A 255 -13.87 -14.20 6.84
CA ASP A 255 -14.95 -15.20 6.97
C ASP A 255 -15.33 -15.49 8.42
N GLN A 256 -14.35 -15.51 9.32
CA GLN A 256 -14.63 -15.77 10.74
C GLN A 256 -15.19 -14.56 11.48
N PHE A 257 -14.62 -13.39 11.25
CA PHE A 257 -14.96 -12.21 12.07
C PHE A 257 -15.77 -11.16 11.33
N PHE B 2 0.16 18.63 11.49
CA PHE B 2 -1.22 18.23 11.05
C PHE B 2 -2.29 19.19 11.56
N GLU B 3 -3.25 19.51 10.69
CA GLU B 3 -4.40 20.30 11.10
C GLU B 3 -5.26 19.47 12.06
N GLU B 4 -5.82 20.14 13.08
CA GLU B 4 -6.68 19.46 14.03
C GLU B 4 -7.88 18.81 13.36
N ILE B 5 -8.27 17.66 13.91
CA ILE B 5 -9.41 16.88 13.45
C ILE B 5 -10.57 17.19 14.40
N PRO B 6 -11.83 17.16 13.92
CA PRO B 6 -12.90 17.54 14.84
C PRO B 6 -13.36 16.37 15.71
N ALA C 1 -18.30 -6.67 -6.00
CA ALA C 1 -18.50 -6.66 -7.48
C ALA C 1 -17.81 -5.47 -8.18
N ASP C 2 -17.79 -4.29 -7.53
CA ASP C 2 -17.25 -3.06 -8.17
C ASP C 2 -15.80 -2.75 -7.75
N CYS C 3 -15.13 -3.71 -7.12
CA CYS C 3 -13.78 -3.46 -6.58
C CYS C 3 -12.87 -3.02 -7.71
N GLY C 4 -11.96 -2.10 -7.41
CA GLY C 4 -10.88 -1.72 -8.30
C GLY C 4 -11.29 -0.94 -9.53
N LEU C 5 -12.54 -0.46 -9.54
CA LEU C 5 -13.02 0.44 -10.60
C LEU C 5 -13.25 1.82 -9.99
N ARG C 6 -12.38 2.76 -10.35
CA ARG C 6 -12.34 4.06 -9.67
C ARG C 6 -13.46 4.96 -10.18
N PRO C 7 -14.24 5.55 -9.25
CA PRO C 7 -15.32 6.46 -9.69
C PRO C 7 -14.89 7.53 -10.68
N LEU C 8 -13.69 8.07 -10.50
CA LEU C 8 -13.27 9.23 -11.27
C LEU C 8 -12.45 8.86 -12.50
N PHE C 9 -12.23 7.55 -12.67
CA PHE C 9 -11.47 7.03 -13.81
C PHE C 9 -12.25 5.94 -14.54
N GLU C 10 -12.04 4.67 -14.20
CA GLU C 10 -12.73 3.56 -14.88
C GLU C 10 -14.24 3.77 -15.02
N LYS C 11 -14.88 4.26 -13.95
CA LYS C 11 -16.35 4.32 -13.94
C LYS C 11 -16.87 5.32 -14.96
N LYS C 12 -16.08 6.36 -15.24
CA LYS C 12 -16.47 7.34 -16.25
C LYS C 12 -15.60 7.25 -17.54
N SER C 13 -14.87 6.16 -17.70
CA SER C 13 -13.98 5.95 -18.84
C SER C 13 -12.98 7.10 -19.07
N LEU C 14 -12.36 7.54 -17.98
CA LEU C 14 -11.23 8.46 -18.08
C LEU C 14 -9.98 7.73 -17.65
N GLU C 15 -8.84 8.07 -18.23
CA GLU C 15 -7.58 7.43 -17.88
C GLU C 15 -6.71 8.39 -17.09
N ASP C 16 -5.97 7.87 -16.10
CA ASP C 16 -5.04 8.74 -15.35
C ASP C 16 -3.77 8.93 -16.18
N LYS C 17 -2.90 9.84 -15.75
CA LYS C 17 -1.81 10.31 -16.61
C LYS C 17 -0.69 9.27 -16.84
N THR C 18 -0.61 8.23 -15.99
CA THR C 18 0.53 7.29 -16.11
C THR C 18 0.12 5.79 -16.15
N GLU C 19 -1.18 5.49 -16.12
CA GLU C 19 -1.58 4.09 -16.15
C GLU C 19 -1.16 3.40 -17.44
N ARG C 20 -0.98 4.17 -18.52
CA ARG C 20 -0.53 3.60 -19.79
C ARG C 20 0.90 2.99 -19.70
N GLU C 21 1.72 3.58 -18.82
CA GLU C 21 3.06 3.04 -18.53
C GLU C 21 2.96 1.61 -18.01
N LEU C 22 1.96 1.38 -17.16
CA LEU C 22 1.77 0.05 -16.61
C LEU C 22 1.35 -0.89 -17.76
N LEU C 23 0.38 -0.48 -18.59
CA LEU C 23 -0.10 -1.33 -19.66
C LEU C 23 1.02 -1.71 -20.60
N GLU C 24 1.85 -0.72 -20.91
CA GLU C 24 2.93 -0.96 -21.87
C GLU C 24 3.94 -1.97 -21.34
N SER C 25 4.03 -2.10 -20.02
CA SER C 25 4.93 -3.10 -19.41
C SER C 25 4.35 -4.52 -19.35
N TYR C 26 3.06 -4.67 -19.61
CA TYR C 26 2.44 -6.00 -19.52
C TYR C 26 2.48 -6.61 -20.89
N ILE C 27 3.63 -7.20 -21.20
CA ILE C 27 3.94 -7.59 -22.57
C ILE C 27 3.54 -9.04 -22.89
N ASP C 28 3.99 -9.99 -22.08
CA ASP C 28 3.67 -11.40 -22.31
C ASP C 28 2.19 -11.57 -22.65
#